data_4MDD
#
_entry.id   4MDD
#
_cell.length_a   72.543
_cell.length_b   72.543
_cell.length_c   229.472
_cell.angle_alpha   90.00
_cell.angle_beta   90.00
_cell.angle_gamma   120.00
#
_symmetry.space_group_name_H-M   'P 32 2 1'
#
loop_
_entity.id
_entity.type
_entity.pdbx_description
1 polymer 'Glucocorticoid receptor'
2 polymer 'Nuclear receptor corepressor 1'
3 non-polymer N-[2-{[benzyl(methyl)amino]methyl}-3-(4-fluoro-2-methoxyphenyl)-5-(propan-2-yl)-1H-indol-7-yl]methanesulfonamide
4 water water
#
loop_
_entity_poly.entity_id
_entity_poly.type
_entity_poly.pdbx_seq_one_letter_code
_entity_poly.pdbx_strand_id
1 'polypeptide(L)'
;SSPATSPQSTPTLVSALETIEPEVLYAGYDSSVPDSTWRIMTTLNMLGGRQVIAAVKWAKAIPGFRNLHLDDQMTLLQYS
WMYLMAFALGWRSYRQSSANLLCFAPDLIINEQRMTLPDMYDQCKHMLYVSSELHRLQVSYEEYLCMKTLLLLSSVPKDG
LKSQALFDAIRMTYIKELGKAIVKREGNSSQNSQRFYQLTKLLDSMHEVVENLLNYCFQTFLDKTMSIEFPEMLAEIITN
QIPKYSNGNIKKLLFHQK
;
A,B
2 'polypeptide(L)' NLGLEDIIRKALMGS C,D
#
loop_
_chem_comp.id
_chem_comp.type
_chem_comp.name
_chem_comp.formula
29M non-polymer N-[2-{[benzyl(methyl)amino]methyl}-3-(4-fluoro-2-methoxyphenyl)-5-(propan-2-yl)-1H-indol-7-yl]methanesulfonamide 'C28 H32 F N3 O3 S'
#
# COMPACT_ATOMS: atom_id res chain seq x y z
N PRO A 11 -38.09 17.43 5.98
CA PRO A 11 -38.29 15.98 5.87
C PRO A 11 -37.77 15.20 7.09
N THR A 12 -37.97 13.87 7.08
CA THR A 12 -37.57 12.98 8.17
C THR A 12 -36.05 12.77 8.25
N LEU A 13 -35.59 12.47 9.48
CA LEU A 13 -34.20 12.21 9.82
C LEU A 13 -33.71 10.92 9.13
N VAL A 14 -34.62 9.96 8.87
CA VAL A 14 -34.25 8.70 8.24
C VAL A 14 -34.11 8.88 6.71
N SER A 15 -34.91 9.79 6.09
CA SER A 15 -34.81 10.10 4.66
C SER A 15 -33.46 10.76 4.34
N ALA A 16 -32.87 11.46 5.36
CA ALA A 16 -31.56 12.10 5.27
C ALA A 16 -30.49 11.02 5.26
N LEU A 17 -30.61 10.02 6.17
CA LEU A 17 -29.71 8.87 6.24
C LEU A 17 -29.73 8.11 4.89
N GLU A 18 -30.93 7.87 4.33
CA GLU A 18 -31.09 7.20 3.04
C GLU A 18 -30.43 8.01 1.89
N THR A 19 -30.47 9.34 1.98
CA THR A 19 -29.90 10.23 0.98
C THR A 19 -28.37 10.14 1.02
N ILE A 20 -27.77 10.09 2.22
CA ILE A 20 -26.32 10.06 2.41
C ILE A 20 -25.68 8.63 2.44
N GLU A 21 -26.46 7.55 2.22
CA GLU A 21 -25.86 6.21 2.20
C GLU A 21 -24.98 6.07 0.96
N PRO A 22 -23.65 5.83 1.12
CA PRO A 22 -22.79 5.76 -0.05
C PRO A 22 -23.08 4.56 -0.92
N GLU A 23 -22.84 4.70 -2.23
CA GLU A 23 -22.98 3.60 -3.17
C GLU A 23 -21.87 2.64 -2.78
N VAL A 24 -22.16 1.33 -2.86
CA VAL A 24 -21.22 0.24 -2.61
C VAL A 24 -20.01 0.43 -3.54
N LEU A 25 -18.84 0.06 -3.04
CA LEU A 25 -17.61 0.18 -3.79
C LEU A 25 -17.34 -1.12 -4.53
N TYR A 26 -16.76 -1.03 -5.73
CA TYR A 26 -16.32 -2.21 -6.48
C TYR A 26 -14.90 -2.48 -6.03
N ALA A 27 -14.56 -3.73 -5.77
CA ALA A 27 -13.23 -4.13 -5.32
C ALA A 27 -12.21 -3.97 -6.44
N GLY A 28 -12.68 -4.08 -7.67
CA GLY A 28 -11.82 -4.08 -8.84
C GLY A 28 -11.09 -5.41 -8.88
N TYR A 29 -11.78 -6.44 -9.34
CA TYR A 29 -11.19 -7.76 -9.49
C TYR A 29 -11.22 -7.98 -10.98
N ASP A 30 -10.07 -7.91 -11.62
CA ASP A 30 -9.96 -8.04 -13.07
C ASP A 30 -9.52 -9.48 -13.40
N SER A 31 -10.46 -10.26 -13.98
CA SER A 31 -10.28 -11.66 -14.36
C SER A 31 -9.28 -11.87 -15.52
N SER A 32 -9.04 -10.81 -16.31
CA SER A 32 -8.08 -10.79 -17.42
C SER A 32 -6.64 -11.04 -16.91
N VAL A 33 -6.40 -10.77 -15.61
CA VAL A 33 -5.10 -10.91 -14.97
C VAL A 33 -5.05 -12.23 -14.17
N PRO A 34 -4.16 -13.19 -14.51
CA PRO A 34 -4.10 -14.45 -13.73
C PRO A 34 -3.63 -14.18 -12.30
N ASP A 35 -4.06 -15.03 -11.34
CA ASP A 35 -3.73 -14.90 -9.91
C ASP A 35 -2.23 -14.82 -9.62
N SER A 36 -1.42 -15.68 -10.27
CA SER A 36 0.04 -15.73 -10.14
C SER A 36 0.70 -14.44 -10.61
N THR A 37 0.25 -13.88 -11.75
CA THR A 37 0.74 -12.63 -12.33
C THR A 37 0.42 -11.48 -11.37
N TRP A 38 -0.81 -11.47 -10.86
CA TRP A 38 -1.28 -10.47 -9.92
C TRP A 38 -0.43 -10.52 -8.65
N ARG A 39 -0.14 -11.74 -8.14
CA ARG A 39 0.66 -11.93 -6.93
C ARG A 39 2.08 -11.44 -7.14
N ILE A 40 2.69 -11.76 -8.28
CA ILE A 40 4.05 -11.34 -8.59
C ILE A 40 4.15 -9.81 -8.69
N MET A 41 3.20 -9.16 -9.40
CA MET A 41 3.35 -7.71 -9.58
C MET A 41 2.99 -6.89 -8.30
N THR A 42 2.11 -7.39 -7.40
CA THR A 42 1.80 -6.77 -6.10
C THR A 42 2.96 -7.04 -5.12
N THR A 43 3.56 -8.25 -5.19
CA THR A 43 4.68 -8.63 -4.33
C THR A 43 5.89 -7.79 -4.69
N LEU A 44 6.16 -7.62 -6.01
CA LEU A 44 7.29 -6.79 -6.40
C LEU A 44 7.12 -5.33 -5.98
N ASN A 45 5.88 -4.77 -6.04
CA ASN A 45 5.64 -3.39 -5.59
C ASN A 45 5.97 -3.16 -4.12
N MET A 46 5.58 -4.11 -3.26
CA MET A 46 5.84 -4.07 -1.81
C MET A 46 7.35 -4.20 -1.52
N LEU A 47 8.01 -5.18 -2.17
CA LEU A 47 9.46 -5.41 -2.05
C LEU A 47 10.27 -4.17 -2.48
N GLY A 48 9.85 -3.52 -3.57
CA GLY A 48 10.47 -2.31 -4.08
C GLY A 48 10.39 -1.17 -3.08
N GLY A 49 9.27 -1.08 -2.35
CA GLY A 49 9.09 -0.07 -1.31
C GLY A 49 10.11 -0.23 -0.19
N ARG A 50 10.37 -1.47 0.19
CA ARG A 50 11.35 -1.85 1.21
C ARG A 50 12.77 -1.64 0.67
N GLN A 51 13.02 -2.01 -0.60
CA GLN A 51 14.32 -1.83 -1.29
C GLN A 51 14.72 -0.35 -1.34
N VAL A 52 13.75 0.58 -1.50
CA VAL A 52 13.97 2.03 -1.50
C VAL A 52 14.46 2.43 -0.11
N ILE A 53 13.75 1.98 0.95
CA ILE A 53 14.13 2.21 2.34
C ILE A 53 15.56 1.75 2.59
N ALA A 54 15.91 0.53 2.13
CA ALA A 54 17.26 -0.01 2.28
C ALA A 54 18.32 0.85 1.56
N ALA A 55 17.99 1.37 0.36
CA ALA A 55 18.87 2.22 -0.43
C ALA A 55 19.16 3.56 0.28
N VAL A 56 18.17 4.11 0.99
CA VAL A 56 18.34 5.36 1.72
C VAL A 56 19.33 5.09 2.89
N LYS A 57 19.08 4.05 3.68
CA LYS A 57 19.95 3.68 4.79
C LYS A 57 21.38 3.44 4.31
N TRP A 58 21.55 2.76 3.15
CA TRP A 58 22.85 2.51 2.52
C TRP A 58 23.54 3.82 2.13
N ALA A 59 22.82 4.72 1.45
CA ALA A 59 23.37 6.01 1.03
C ALA A 59 23.85 6.87 2.21
N LYS A 60 23.09 6.92 3.30
CA LYS A 60 23.46 7.66 4.50
C LYS A 60 24.85 7.24 5.01
N ALA A 61 25.21 5.95 4.82
CA ALA A 61 26.49 5.36 5.21
C ALA A 61 27.63 5.45 4.15
N ILE A 62 27.36 5.96 2.92
CA ILE A 62 28.39 6.13 1.87
C ILE A 62 29.35 7.22 2.28
N PRO A 63 30.67 6.92 2.40
CA PRO A 63 31.62 7.99 2.79
C PRO A 63 31.52 9.19 1.86
N GLY A 64 31.16 10.33 2.46
CA GLY A 64 31.01 11.61 1.77
C GLY A 64 29.60 12.12 1.60
N PHE A 65 28.62 11.19 1.41
CA PHE A 65 27.21 11.47 1.13
C PHE A 65 26.53 12.38 2.19
N ARG A 66 26.67 12.08 3.50
CA ARG A 66 26.04 12.93 4.54
C ARG A 66 26.70 14.32 4.68
N ASN A 67 27.83 14.58 4.02
CA ASN A 67 28.47 15.91 4.03
C ASN A 67 27.83 16.86 3.03
N LEU A 68 27.01 16.31 2.10
CA LEU A 68 26.27 17.14 1.14
C LEU A 68 25.10 17.74 1.91
N HIS A 69 24.58 18.85 1.43
CA HIS A 69 23.38 19.46 2.01
C HIS A 69 22.25 18.39 2.04
N LEU A 70 21.43 18.39 3.11
CA LEU A 70 20.31 17.45 3.28
C LEU A 70 19.35 17.44 2.10
N ASP A 71 19.09 18.61 1.52
CA ASP A 71 18.23 18.75 0.35
C ASP A 71 18.79 18.06 -0.87
N ASP A 72 20.14 18.07 -1.05
CA ASP A 72 20.84 17.41 -2.15
C ASP A 72 20.75 15.90 -2.00
N GLN A 73 20.95 15.41 -0.77
CA GLN A 73 20.87 13.99 -0.38
C GLN A 73 19.51 13.42 -0.77
N MET A 74 18.44 14.19 -0.50
CA MET A 74 17.05 13.88 -0.82
C MET A 74 16.87 13.83 -2.35
N THR A 75 17.34 14.87 -3.04
CA THR A 75 17.28 14.99 -4.49
C THR A 75 17.98 13.80 -5.17
N LEU A 76 19.17 13.42 -4.70
CA LEU A 76 19.94 12.33 -5.28
C LEU A 76 19.25 10.99 -5.15
N LEU A 77 18.67 10.75 -3.96
CA LEU A 77 17.92 9.53 -3.70
C LEU A 77 16.65 9.49 -4.54
N GLN A 78 15.99 10.64 -4.74
CA GLN A 78 14.77 10.72 -5.52
C GLN A 78 15.03 10.43 -6.99
N TYR A 79 16.15 10.89 -7.52
CA TYR A 79 16.49 10.62 -8.91
C TYR A 79 16.94 9.19 -9.14
N SER A 80 17.64 8.58 -8.15
CA SER A 80 18.40 7.36 -8.38
C SER A 80 17.91 6.05 -7.73
N TRP A 81 16.85 6.03 -6.92
CA TRP A 81 16.32 4.80 -6.32
C TRP A 81 16.21 3.60 -7.31
N MET A 82 15.67 3.82 -8.52
CA MET A 82 15.48 2.71 -9.47
C MET A 82 16.78 2.36 -10.23
N TYR A 83 17.76 3.29 -10.29
CA TYR A 83 19.08 2.99 -10.88
C TYR A 83 19.74 1.97 -9.96
N LEU A 84 19.69 2.22 -8.64
CA LEU A 84 20.28 1.32 -7.64
C LEU A 84 19.57 -0.03 -7.61
N MET A 85 18.23 -0.02 -7.63
CA MET A 85 17.47 -1.26 -7.61
C MET A 85 17.67 -2.07 -8.87
N ALA A 86 17.56 -1.45 -10.06
CA ALA A 86 17.75 -2.17 -11.31
C ALA A 86 19.20 -2.69 -11.47
N PHE A 87 20.22 -1.95 -10.98
CA PHE A 87 21.61 -2.43 -11.08
C PHE A 87 21.90 -3.59 -10.11
N ALA A 88 21.34 -3.55 -8.87
CA ALA A 88 21.52 -4.64 -7.90
C ALA A 88 20.76 -5.87 -8.37
N LEU A 89 19.60 -5.68 -9.00
CA LEU A 89 18.85 -6.78 -9.60
C LEU A 89 19.74 -7.45 -10.67
N GLY A 90 20.41 -6.64 -11.50
CA GLY A 90 21.33 -7.10 -12.53
C GLY A 90 22.46 -7.93 -11.95
N TRP A 91 23.08 -7.44 -10.85
CA TRP A 91 24.16 -8.12 -10.15
C TRP A 91 23.79 -9.50 -9.63
N ARG A 92 22.67 -9.59 -8.91
CA ARG A 92 22.19 -10.83 -8.32
C ARG A 92 21.74 -11.83 -9.37
N SER A 93 21.16 -11.34 -10.48
CA SER A 93 20.71 -12.17 -11.59
C SER A 93 21.91 -12.79 -12.33
N TYR A 94 23.06 -12.11 -12.29
CA TYR A 94 24.32 -12.53 -12.87
C TYR A 94 24.99 -13.58 -11.96
N ARG A 95 25.15 -13.27 -10.66
CA ARG A 95 25.79 -14.15 -9.67
C ARG A 95 25.02 -15.44 -9.40
N GLN A 96 23.66 -15.39 -9.41
CA GLN A 96 22.83 -16.56 -9.13
C GLN A 96 22.51 -17.42 -10.35
N SER A 97 21.99 -16.80 -11.43
CA SER A 97 21.55 -17.51 -12.64
C SER A 97 22.40 -17.27 -13.90
N SER A 98 23.51 -16.51 -13.80
CA SER A 98 24.36 -16.14 -14.95
C SER A 98 23.50 -15.53 -16.09
N ALA A 99 22.65 -14.55 -15.70
CA ALA A 99 21.76 -13.74 -16.53
C ALA A 99 20.66 -14.50 -17.27
N ASN A 100 20.21 -15.63 -16.71
CA ASN A 100 19.14 -16.40 -17.32
C ASN A 100 17.80 -16.06 -16.72
N LEU A 101 17.81 -15.63 -15.43
CA LEU A 101 16.57 -15.29 -14.72
C LEU A 101 16.70 -14.00 -13.90
N LEU A 102 15.57 -13.36 -13.61
CA LEU A 102 15.52 -12.16 -12.78
C LEU A 102 15.43 -12.57 -11.32
N CYS A 103 16.54 -12.42 -10.61
CA CYS A 103 16.63 -12.81 -9.21
C CYS A 103 16.34 -11.59 -8.33
N PHE A 104 15.04 -11.30 -8.15
CA PHE A 104 14.55 -10.17 -7.35
C PHE A 104 14.88 -10.34 -5.88
N ALA A 105 14.71 -11.55 -5.37
CA ALA A 105 14.97 -11.92 -3.98
C ALA A 105 15.27 -13.43 -3.94
N PRO A 106 15.89 -13.97 -2.85
CA PRO A 106 16.13 -15.43 -2.80
C PRO A 106 14.84 -16.25 -2.91
N ASP A 107 13.73 -15.73 -2.38
CA ASP A 107 12.41 -16.38 -2.43
C ASP A 107 11.55 -15.87 -3.60
N LEU A 108 12.13 -15.07 -4.51
CA LEU A 108 11.39 -14.56 -5.67
C LEU A 108 12.28 -14.46 -6.90
N ILE A 109 12.30 -15.55 -7.66
CA ILE A 109 13.06 -15.69 -8.90
C ILE A 109 12.05 -15.85 -10.03
N ILE A 110 12.14 -15.01 -11.07
CA ILE A 110 11.17 -15.07 -12.16
C ILE A 110 11.80 -15.54 -13.48
N ASN A 111 11.16 -16.58 -14.05
CA ASN A 111 11.52 -17.17 -15.33
C ASN A 111 10.75 -16.42 -16.41
N GLU A 112 11.47 -15.52 -17.12
CA GLU A 112 10.95 -14.66 -18.20
C GLU A 112 10.13 -15.42 -19.26
N GLN A 113 10.34 -16.74 -19.39
CA GLN A 113 9.61 -17.58 -20.33
C GLN A 113 8.22 -17.94 -19.81
N ARG A 114 8.10 -18.21 -18.49
CA ARG A 114 6.81 -18.50 -17.87
C ARG A 114 6.14 -17.17 -17.44
N MET A 115 6.03 -16.25 -18.41
CA MET A 115 5.44 -14.91 -18.29
C MET A 115 4.40 -14.72 -19.40
N THR A 116 3.18 -14.31 -18.99
CA THR A 116 2.00 -14.18 -19.84
C THR A 116 2.02 -12.98 -20.83
N LEU A 117 2.46 -11.77 -20.41
CA LEU A 117 2.42 -10.60 -21.30
C LEU A 117 3.78 -10.24 -21.97
N PRO A 118 3.77 -9.78 -23.26
CA PRO A 118 5.04 -9.48 -23.95
C PRO A 118 5.74 -8.19 -23.53
N ASP A 119 4.99 -7.17 -23.06
CA ASP A 119 5.53 -5.89 -22.60
C ASP A 119 6.32 -6.12 -21.32
N MET A 120 5.82 -7.07 -20.48
CA MET A 120 6.44 -7.55 -19.25
C MET A 120 7.75 -8.23 -19.70
N TYR A 121 7.66 -9.12 -20.72
CA TYR A 121 8.77 -9.89 -21.31
C TYR A 121 9.92 -9.00 -21.79
N ASP A 122 9.61 -7.96 -22.61
CA ASP A 122 10.59 -7.00 -23.15
C ASP A 122 11.38 -6.27 -22.05
N GLN A 123 10.69 -5.94 -20.94
CA GLN A 123 11.22 -5.27 -19.76
C GLN A 123 12.12 -6.22 -19.00
N CYS A 124 11.69 -7.49 -18.92
CA CYS A 124 12.47 -8.55 -18.29
C CYS A 124 13.76 -8.75 -19.08
N LYS A 125 13.67 -8.80 -20.43
CA LYS A 125 14.82 -8.89 -21.35
C LYS A 125 15.72 -7.66 -21.20
N HIS A 126 15.14 -6.49 -20.87
CA HIS A 126 15.89 -5.26 -20.64
C HIS A 126 16.60 -5.26 -19.28
N MET A 127 15.95 -5.84 -18.24
CA MET A 127 16.52 -5.99 -16.90
C MET A 127 17.60 -7.08 -16.99
N LEU A 128 17.35 -8.11 -17.85
CA LEU A 128 18.31 -9.19 -18.11
C LEU A 128 19.49 -8.66 -18.90
N TYR A 129 19.28 -7.62 -19.72
CA TYR A 129 20.36 -6.98 -20.47
C TYR A 129 21.43 -6.42 -19.52
N VAL A 130 21.00 -5.76 -18.41
CA VAL A 130 21.96 -5.22 -17.42
C VAL A 130 22.79 -6.39 -16.91
N SER A 131 22.10 -7.46 -16.50
CA SER A 131 22.66 -8.71 -16.00
C SER A 131 23.57 -9.45 -17.00
N SER A 132 23.17 -9.52 -18.29
CA SER A 132 23.97 -10.16 -19.34
C SER A 132 25.22 -9.37 -19.63
N GLU A 133 25.17 -8.03 -19.51
CA GLU A 133 26.33 -7.16 -19.70
C GLU A 133 27.30 -7.30 -18.55
N LEU A 134 26.80 -7.48 -17.32
CA LEU A 134 27.65 -7.69 -16.14
C LEU A 134 28.31 -9.07 -16.23
N HIS A 135 27.62 -10.02 -16.88
CA HIS A 135 28.08 -11.37 -17.15
C HIS A 135 29.14 -11.32 -18.25
N ARG A 136 28.81 -10.71 -19.41
CA ARG A 136 29.67 -10.53 -20.58
C ARG A 136 31.02 -9.92 -20.21
N LEU A 137 31.01 -8.86 -19.39
CA LEU A 137 32.20 -8.15 -18.96
C LEU A 137 32.86 -8.76 -17.72
N GLN A 138 32.25 -9.83 -17.13
CA GLN A 138 32.74 -10.54 -15.94
C GLN A 138 33.16 -9.55 -14.82
N VAL A 139 32.22 -8.64 -14.47
CA VAL A 139 32.36 -7.56 -13.50
C VAL A 139 32.68 -8.12 -12.10
N SER A 140 33.63 -7.50 -11.40
CA SER A 140 34.03 -7.93 -10.06
C SER A 140 33.18 -7.22 -9.01
N TYR A 141 33.13 -7.80 -7.79
CA TYR A 141 32.38 -7.25 -6.66
C TYR A 141 32.78 -5.80 -6.38
N GLU A 142 34.09 -5.51 -6.46
CA GLU A 142 34.66 -4.19 -6.21
C GLU A 142 34.33 -3.19 -7.29
N GLU A 143 34.22 -3.66 -8.57
CA GLU A 143 33.84 -2.81 -9.71
C GLU A 143 32.36 -2.46 -9.54
N TYR A 144 31.56 -3.48 -9.22
CA TYR A 144 30.12 -3.37 -8.96
C TYR A 144 29.83 -2.32 -7.87
N LEU A 145 30.55 -2.41 -6.74
CA LEU A 145 30.39 -1.51 -5.60
C LEU A 145 30.68 -0.07 -5.96
N CYS A 146 31.72 0.16 -6.76
CA CYS A 146 32.10 1.49 -7.23
C CYS A 146 31.09 2.03 -8.23
N MET A 147 30.64 1.17 -9.16
CA MET A 147 29.64 1.46 -10.19
C MET A 147 28.28 1.79 -9.57
N LYS A 148 27.85 1.01 -8.55
CA LYS A 148 26.57 1.25 -7.86
C LYS A 148 26.59 2.60 -7.15
N THR A 149 27.73 2.95 -6.52
CA THR A 149 27.94 4.24 -5.85
C THR A 149 27.85 5.37 -6.87
N LEU A 150 28.45 5.14 -8.06
CA LEU A 150 28.40 6.13 -9.14
C LEU A 150 26.98 6.32 -9.68
N LEU A 151 26.12 5.28 -9.64
CA LEU A 151 24.71 5.39 -10.07
C LEU A 151 23.84 6.30 -9.18
N LEU A 152 24.22 6.45 -7.89
CA LEU A 152 23.58 7.34 -6.91
C LEU A 152 23.96 8.78 -7.28
N LEU A 153 25.11 8.94 -7.96
CA LEU A 153 25.65 10.23 -8.38
C LEU A 153 25.51 10.46 -9.90
N SER A 154 24.54 9.82 -10.58
CA SER A 154 24.43 9.91 -12.03
C SER A 154 23.46 11.01 -12.56
N SER A 155 22.74 11.69 -11.68
CA SER A 155 21.83 12.77 -12.10
C SER A 155 21.89 13.88 -11.08
N VAL A 156 21.72 15.14 -11.55
CA VAL A 156 21.71 16.32 -10.68
C VAL A 156 20.64 17.28 -11.19
N PRO A 157 20.11 18.23 -10.39
CA PRO A 157 19.18 19.21 -10.99
C PRO A 157 19.93 20.08 -12.01
N LYS A 158 19.22 20.50 -13.09
CA LYS A 158 19.75 21.38 -14.14
C LYS A 158 20.21 22.73 -13.57
N ASP A 159 19.59 23.19 -12.46
CA ASP A 159 19.98 24.43 -11.77
C ASP A 159 20.99 24.17 -10.64
N GLY A 160 21.55 22.96 -10.64
CA GLY A 160 22.58 22.50 -9.72
C GLY A 160 22.14 22.24 -8.29
N LEU A 161 22.97 21.46 -7.58
CA LEU A 161 22.79 21.13 -6.16
C LEU A 161 23.31 22.30 -5.30
N LYS A 162 22.89 22.32 -4.02
CA LYS A 162 23.36 23.32 -3.05
C LYS A 162 24.84 23.11 -2.74
N SER A 163 25.31 21.85 -2.73
CA SER A 163 26.69 21.45 -2.53
C SER A 163 27.28 20.89 -3.83
N GLN A 164 27.08 21.60 -4.95
CA GLN A 164 27.55 21.17 -6.27
C GLN A 164 29.04 20.85 -6.32
N ALA A 165 29.90 21.75 -5.78
CA ALA A 165 31.36 21.56 -5.78
C ALA A 165 31.80 20.29 -5.02
N LEU A 166 31.18 20.04 -3.86
CA LEU A 166 31.42 18.83 -3.07
C LEU A 166 30.93 17.61 -3.84
N PHE A 167 29.71 17.69 -4.42
CA PHE A 167 29.18 16.61 -5.26
C PHE A 167 30.21 16.23 -6.33
N ASP A 168 30.72 17.23 -7.11
CA ASP A 168 31.71 16.98 -8.15
C ASP A 168 32.93 16.27 -7.62
N ALA A 169 33.45 16.72 -6.46
CA ALA A 169 34.64 16.14 -5.81
C ALA A 169 34.40 14.69 -5.40
N ILE A 170 33.20 14.41 -4.82
CA ILE A 170 32.80 13.06 -4.42
C ILE A 170 32.71 12.14 -5.65
N ARG A 171 32.05 12.64 -6.69
CA ARG A 171 31.87 11.88 -7.92
C ARG A 171 33.23 11.48 -8.51
N MET A 172 34.17 12.45 -8.63
CA MET A 172 35.54 12.21 -9.11
C MET A 172 36.28 11.22 -8.23
N THR A 173 36.09 11.29 -6.89
CA THR A 173 36.70 10.36 -5.94
C THR A 173 36.27 8.93 -6.26
N TYR A 174 34.94 8.71 -6.46
CA TYR A 174 34.41 7.37 -6.75
C TYR A 174 34.73 6.96 -8.20
N ILE A 175 34.89 7.92 -9.13
CA ILE A 175 35.35 7.62 -10.48
C ILE A 175 36.77 7.04 -10.33
N LYS A 176 37.68 7.74 -9.59
CA LYS A 176 39.06 7.25 -9.32
C LYS A 176 39.03 5.88 -8.64
N GLU A 177 38.06 5.69 -7.72
CA GLU A 177 37.88 4.43 -7.01
C GLU A 177 37.52 3.29 -7.96
N LEU A 178 36.80 3.58 -9.07
CA LEU A 178 36.45 2.56 -10.07
C LEU A 178 37.70 2.09 -10.84
N GLY A 179 38.61 3.03 -11.13
CA GLY A 179 39.89 2.76 -11.79
C GLY A 179 40.72 1.78 -10.98
N LYS A 180 40.86 2.05 -9.67
CA LYS A 180 41.56 1.22 -8.70
C LYS A 180 41.02 -0.22 -8.69
N ALA A 181 39.70 -0.38 -8.81
CA ALA A 181 39.03 -1.68 -8.83
C ALA A 181 39.27 -2.47 -10.13
N ILE A 182 39.38 -1.75 -11.27
CA ILE A 182 39.63 -2.36 -12.59
C ILE A 182 41.02 -3.03 -12.56
N VAL A 183 42.03 -2.29 -12.06
CA VAL A 183 43.43 -2.67 -11.89
C VAL A 183 43.61 -4.05 -11.19
N LYS A 184 42.85 -4.30 -10.10
CA LYS A 184 42.93 -5.53 -9.29
C LYS A 184 42.45 -6.84 -10.01
N ARG A 185 41.97 -6.71 -11.26
CA ARG A 185 41.56 -7.81 -12.16
C ARG A 185 42.85 -8.45 -12.78
N GLU A 186 44.05 -7.85 -12.50
CA GLU A 186 45.39 -8.24 -12.98
C GLU A 186 45.46 -8.07 -14.51
N GLY A 187 44.76 -7.04 -15.00
CA GLY A 187 44.63 -6.75 -16.42
C GLY A 187 45.78 -5.99 -17.06
N ASN A 188 45.87 -6.16 -18.40
CA ASN A 188 46.80 -5.55 -19.35
C ASN A 188 46.47 -4.05 -19.41
N SER A 189 47.49 -3.18 -19.35
CA SER A 189 47.35 -1.71 -19.37
C SER A 189 46.39 -1.18 -20.46
N SER A 190 46.46 -1.72 -21.70
CA SER A 190 45.59 -1.36 -22.83
C SER A 190 44.15 -1.85 -22.63
N GLN A 191 44.00 -3.01 -21.96
CA GLN A 191 42.72 -3.65 -21.65
C GLN A 191 42.07 -2.99 -20.42
N ASN A 192 42.85 -2.18 -19.66
CA ASN A 192 42.37 -1.45 -18.47
C ASN A 192 41.67 -0.18 -18.90
N SER A 193 42.25 0.53 -19.90
CA SER A 193 41.69 1.75 -20.51
C SER A 193 40.42 1.40 -21.29
N GLN A 194 40.37 0.15 -21.82
CA GLN A 194 39.28 -0.46 -22.58
C GLN A 194 38.13 -0.86 -21.64
N ARG A 195 38.45 -1.34 -20.42
CA ARG A 195 37.49 -1.76 -19.40
C ARG A 195 36.78 -0.54 -18.83
N PHE A 196 37.55 0.55 -18.55
CA PHE A 196 37.00 1.81 -18.05
C PHE A 196 35.97 2.32 -19.04
N TYR A 197 36.30 2.29 -20.35
CA TYR A 197 35.37 2.67 -21.42
C TYR A 197 34.07 1.83 -21.39
N GLN A 198 34.17 0.49 -21.25
CA GLN A 198 33.03 -0.43 -21.27
C GLN A 198 32.16 -0.36 -20.01
N LEU A 199 32.78 -0.18 -18.82
CA LEU A 199 32.07 -0.06 -17.55
C LEU A 199 31.32 1.27 -17.48
N THR A 200 31.94 2.38 -17.93
CA THR A 200 31.31 3.70 -17.96
C THR A 200 30.20 3.76 -19.04
N LYS A 201 30.35 3.00 -20.16
CA LYS A 201 29.34 2.91 -21.23
C LYS A 201 28.09 2.18 -20.70
N LEU A 202 28.29 1.17 -19.84
CA LEU A 202 27.19 0.45 -19.21
C LEU A 202 26.49 1.40 -18.20
N LEU A 203 27.26 2.22 -17.46
CA LEU A 203 26.73 3.21 -16.52
C LEU A 203 25.82 4.20 -17.22
N ASP A 204 26.29 4.77 -18.35
CA ASP A 204 25.56 5.71 -19.21
C ASP A 204 24.24 5.10 -19.74
N SER A 205 24.27 3.82 -20.14
CA SER A 205 23.12 3.09 -20.66
C SER A 205 21.99 2.88 -19.61
N MET A 206 22.32 2.95 -18.30
CA MET A 206 21.35 2.86 -17.19
C MET A 206 20.29 3.96 -17.28
N HIS A 207 20.63 5.16 -17.81
CA HIS A 207 19.64 6.24 -17.97
C HIS A 207 18.44 5.74 -18.83
N GLU A 208 18.72 5.10 -19.97
CA GLU A 208 17.68 4.56 -20.86
C GLU A 208 16.98 3.33 -20.28
N VAL A 209 17.73 2.44 -19.58
CA VAL A 209 17.18 1.25 -18.94
C VAL A 209 16.11 1.63 -17.91
N VAL A 210 16.42 2.61 -17.06
CA VAL A 210 15.56 3.10 -15.97
C VAL A 210 14.35 3.91 -16.47
N GLU A 211 14.59 4.82 -17.42
CA GLU A 211 13.52 5.63 -18.04
C GLU A 211 12.42 4.69 -18.58
N ASN A 212 12.82 3.68 -19.36
CA ASN A 212 11.93 2.68 -19.97
C ASN A 212 11.25 1.76 -18.95
N LEU A 213 12.00 1.39 -17.90
CA LEU A 213 11.51 0.56 -16.83
C LEU A 213 10.49 1.33 -16.00
N LEU A 214 10.81 2.57 -15.57
CA LEU A 214 9.85 3.39 -14.81
C LEU A 214 8.59 3.72 -15.64
N ASN A 215 8.77 3.90 -16.95
CA ASN A 215 7.64 4.13 -17.83
C ASN A 215 6.68 2.96 -17.81
N TYR A 216 7.20 1.73 -18.07
CA TYR A 216 6.45 0.49 -18.04
C TYR A 216 5.82 0.27 -16.67
N CYS A 217 6.59 0.43 -15.59
CA CYS A 217 6.09 0.21 -14.22
C CYS A 217 4.93 1.13 -13.88
N PHE A 218 5.10 2.45 -14.10
CA PHE A 218 4.06 3.44 -13.82
C PHE A 218 2.81 3.17 -14.67
N GLN A 219 2.98 2.85 -15.98
CA GLN A 219 1.84 2.58 -16.86
C GLN A 219 1.07 1.33 -16.43
N THR A 220 1.76 0.20 -16.15
CA THR A 220 1.16 -1.04 -15.66
C THR A 220 0.46 -0.81 -14.31
N PHE A 221 1.13 -0.15 -13.36
CA PHE A 221 0.58 0.16 -12.06
C PHE A 221 -0.72 0.98 -12.17
N LEU A 222 -0.71 2.06 -12.98
CA LEU A 222 -1.91 2.88 -13.15
C LEU A 222 -3.06 2.14 -13.80
N ASP A 223 -2.77 1.25 -14.76
CA ASP A 223 -3.82 0.48 -15.42
C ASP A 223 -4.35 -0.69 -14.61
N LYS A 224 -3.45 -1.55 -14.08
CA LYS A 224 -3.74 -2.79 -13.37
C LYS A 224 -4.00 -2.64 -11.87
N THR A 225 -3.44 -1.61 -11.22
CA THR A 225 -3.63 -1.45 -9.78
C THR A 225 -4.48 -0.24 -9.49
N MET A 226 -3.98 0.98 -9.77
CA MET A 226 -4.74 2.18 -9.42
C MET A 226 -6.13 2.18 -10.04
N SER A 227 -6.24 2.14 -11.39
CA SER A 227 -7.51 2.18 -12.13
C SER A 227 -8.51 1.13 -11.75
N ILE A 228 -8.03 -0.06 -11.43
CA ILE A 228 -8.89 -1.16 -11.06
C ILE A 228 -9.22 -1.11 -9.55
N GLU A 229 -8.21 -0.95 -8.66
CA GLU A 229 -8.43 -1.09 -7.21
C GLU A 229 -8.50 0.22 -6.36
N PHE A 230 -8.24 1.42 -6.93
CA PHE A 230 -8.34 2.76 -6.28
C PHE A 230 -8.65 3.84 -7.37
N PRO A 231 -9.75 3.72 -8.15
CA PRO A 231 -9.97 4.69 -9.26
C PRO A 231 -10.08 6.15 -8.85
N GLU A 232 -10.40 6.38 -7.56
CA GLU A 232 -10.62 7.67 -6.92
C GLU A 232 -9.32 8.44 -6.67
N MET A 233 -8.20 7.73 -6.61
CA MET A 233 -6.86 8.29 -6.41
C MET A 233 -6.35 9.04 -7.66
N LEU A 234 -6.78 8.60 -8.86
CA LEU A 234 -6.31 9.05 -10.18
C LEU A 234 -6.22 10.57 -10.40
N ALA A 235 -7.30 11.35 -10.17
CA ALA A 235 -7.30 12.81 -10.34
C ALA A 235 -6.11 13.48 -9.63
N GLU A 236 -5.84 13.13 -8.35
CA GLU A 236 -4.71 13.74 -7.63
C GLU A 236 -3.36 13.19 -8.12
N ILE A 237 -3.29 11.91 -8.54
CA ILE A 237 -2.05 11.35 -9.08
C ILE A 237 -1.67 12.11 -10.37
N ILE A 238 -2.63 12.29 -11.30
CA ILE A 238 -2.34 12.93 -12.59
C ILE A 238 -2.05 14.44 -12.43
N THR A 239 -2.63 15.12 -11.40
CA THR A 239 -2.37 16.52 -11.08
C THR A 239 -0.94 16.69 -10.55
N ASN A 240 -0.52 15.87 -9.56
CA ASN A 240 0.82 15.92 -8.96
C ASN A 240 1.93 15.65 -9.99
N GLN A 241 1.60 14.88 -11.04
CA GLN A 241 2.51 14.50 -12.12
C GLN A 241 2.83 15.66 -13.10
N ILE A 242 2.17 16.84 -12.95
CA ILE A 242 2.37 17.98 -13.86
C ILE A 242 3.82 18.56 -13.76
N PRO A 243 4.49 18.85 -14.91
CA PRO A 243 5.85 19.40 -14.85
C PRO A 243 5.90 20.89 -14.50
N LYS A 244 6.86 21.26 -13.63
CA LYS A 244 7.12 22.64 -13.19
C LYS A 244 7.86 23.40 -14.32
N TYR A 245 8.76 22.70 -15.04
CA TYR A 245 9.56 23.19 -16.17
C TYR A 245 9.16 22.40 -17.43
N SER A 246 9.19 23.06 -18.62
CA SER A 246 8.77 22.49 -19.92
C SER A 246 9.40 21.14 -20.27
N ASN A 247 10.70 20.96 -19.98
CA ASN A 247 11.44 19.73 -20.27
C ASN A 247 12.12 19.11 -19.03
N GLY A 248 11.54 19.36 -17.85
CA GLY A 248 12.05 18.85 -16.57
C GLY A 248 13.28 19.56 -16.06
N ASN A 249 13.74 19.14 -14.87
CA ASN A 249 14.89 19.72 -14.18
C ASN A 249 15.99 18.68 -13.89
N ILE A 250 15.96 17.54 -14.59
CA ILE A 250 16.96 16.50 -14.34
C ILE A 250 18.07 16.51 -15.38
N LYS A 251 19.34 16.68 -14.93
CA LYS A 251 20.52 16.61 -15.80
C LYS A 251 21.12 15.21 -15.63
N LYS A 252 21.05 14.41 -16.67
CA LYS A 252 21.57 13.05 -16.65
C LYS A 252 23.04 13.11 -17.07
N LEU A 253 23.94 12.69 -16.16
CA LEU A 253 25.38 12.75 -16.36
C LEU A 253 25.88 11.60 -17.21
N LEU A 254 26.74 11.93 -18.17
CA LEU A 254 27.26 10.94 -19.10
C LEU A 254 28.75 10.99 -19.15
N PHE A 255 29.37 9.81 -19.21
CA PHE A 255 30.81 9.70 -19.35
C PHE A 255 31.19 9.98 -20.79
N HIS A 256 30.29 9.62 -21.73
CA HIS A 256 30.43 9.75 -23.18
C HIS A 256 29.28 10.59 -23.76
N GLN A 257 29.63 11.76 -24.31
CA GLN A 257 28.72 12.73 -24.91
C GLN A 257 28.29 12.26 -26.30
N THR B 12 40.49 1.62 3.72
CA THR B 12 40.25 1.65 2.27
C THR B 12 38.82 2.06 1.99
N LEU B 13 38.63 2.94 0.97
CA LEU B 13 37.32 3.47 0.54
C LEU B 13 36.39 2.38 0.00
N VAL B 14 36.95 1.42 -0.75
CA VAL B 14 36.22 0.27 -1.32
C VAL B 14 35.85 -0.73 -0.19
N SER B 15 36.69 -0.81 0.89
CA SER B 15 36.46 -1.66 2.07
C SER B 15 35.23 -1.16 2.79
N ALA B 16 35.10 0.18 2.89
CA ALA B 16 33.95 0.85 3.46
C ALA B 16 32.65 0.46 2.67
N LEU B 17 32.71 0.37 1.31
CA LEU B 17 31.56 -0.01 0.49
C LEU B 17 31.12 -1.45 0.71
N GLU B 18 32.09 -2.38 0.81
CA GLU B 18 31.81 -3.80 1.05
C GLU B 18 31.11 -3.98 2.41
N THR B 19 31.52 -3.18 3.40
CA THR B 19 30.99 -3.18 4.76
C THR B 19 29.53 -2.68 4.81
N ILE B 20 29.23 -1.56 4.09
CA ILE B 20 27.89 -0.96 4.16
C ILE B 20 26.86 -1.59 3.19
N GLU B 21 27.28 -2.53 2.32
CA GLU B 21 26.37 -3.20 1.41
C GLU B 21 25.27 -3.91 2.18
N PRO B 22 23.98 -3.55 1.98
CA PRO B 22 22.93 -4.24 2.75
C PRO B 22 22.77 -5.69 2.34
N GLU B 23 22.13 -6.49 3.20
CA GLU B 23 21.87 -7.88 2.89
C GLU B 23 20.66 -7.92 1.96
N VAL B 24 20.55 -8.96 1.10
CA VAL B 24 19.41 -9.12 0.20
C VAL B 24 18.12 -9.14 1.03
N LEU B 25 17.07 -8.51 0.51
CA LEU B 25 15.78 -8.53 1.18
C LEU B 25 15.01 -9.69 0.60
N TYR B 26 14.21 -10.35 1.43
CA TYR B 26 13.35 -11.44 1.03
C TYR B 26 12.02 -10.85 0.59
N ALA B 27 11.41 -11.42 -0.46
CA ALA B 27 10.12 -10.99 -1.00
C ALA B 27 8.94 -11.27 -0.06
N GLY B 28 9.07 -12.32 0.75
CA GLY B 28 8.04 -12.80 1.66
C GLY B 28 7.03 -13.69 0.96
N TYR B 29 7.45 -14.34 -0.15
CA TYR B 29 6.57 -15.23 -0.90
C TYR B 29 6.46 -16.56 -0.18
N ASP B 30 5.25 -16.90 0.23
CA ASP B 30 4.92 -18.12 0.95
C ASP B 30 4.01 -18.98 0.06
N SER B 31 4.61 -20.00 -0.58
CA SER B 31 3.96 -20.96 -1.48
C SER B 31 2.84 -21.78 -0.83
N SER B 32 2.88 -21.92 0.53
CA SER B 32 1.89 -22.60 1.36
C SER B 32 0.56 -21.81 1.32
N VAL B 33 0.63 -20.51 0.94
CA VAL B 33 -0.55 -19.67 0.77
C VAL B 33 -0.87 -19.69 -0.74
N PRO B 34 -2.03 -20.21 -1.18
CA PRO B 34 -2.33 -20.21 -2.61
C PRO B 34 -2.54 -18.80 -3.19
N ASP B 35 -2.24 -18.64 -4.48
CA ASP B 35 -2.35 -17.38 -5.25
C ASP B 35 -3.74 -16.72 -5.17
N SER B 36 -4.82 -17.53 -5.34
CA SER B 36 -6.22 -17.07 -5.27
C SER B 36 -6.58 -16.44 -3.91
N THR B 37 -6.23 -17.14 -2.81
CA THR B 37 -6.54 -16.68 -1.46
C THR B 37 -5.62 -15.48 -1.12
N TRP B 38 -4.36 -15.46 -1.63
CA TRP B 38 -3.45 -14.33 -1.46
C TRP B 38 -4.08 -13.10 -2.12
N ARG B 39 -4.56 -13.25 -3.37
CA ARG B 39 -5.25 -12.22 -4.13
C ARG B 39 -6.53 -11.74 -3.43
N ILE B 40 -7.31 -12.66 -2.80
CA ILE B 40 -8.52 -12.25 -2.04
C ILE B 40 -8.12 -11.43 -0.81
N MET B 41 -7.16 -11.93 -0.01
CA MET B 41 -6.72 -11.21 1.19
C MET B 41 -6.21 -9.78 0.89
N THR B 42 -5.29 -9.64 -0.08
CA THR B 42 -4.70 -8.37 -0.50
C THR B 42 -5.74 -7.41 -1.08
N THR B 43 -6.62 -7.91 -1.98
CA THR B 43 -7.69 -7.11 -2.59
C THR B 43 -8.60 -6.60 -1.47
N LEU B 44 -8.92 -7.46 -0.48
CA LEU B 44 -9.79 -7.05 0.63
C LEU B 44 -9.14 -6.00 1.51
N ASN B 45 -7.82 -6.15 1.78
CA ASN B 45 -7.04 -5.18 2.56
C ASN B 45 -7.15 -3.77 1.94
N MET B 46 -7.01 -3.68 0.59
CA MET B 46 -7.10 -2.45 -0.22
C MET B 46 -8.54 -1.94 -0.21
N LEU B 47 -9.52 -2.84 -0.45
CA LEU B 47 -10.94 -2.46 -0.43
C LEU B 47 -11.31 -1.87 0.95
N GLY B 48 -10.88 -2.53 2.02
CA GLY B 48 -11.12 -2.07 3.39
C GLY B 48 -10.61 -0.66 3.62
N GLY B 49 -9.38 -0.39 3.15
CA GLY B 49 -8.79 0.94 3.23
C GLY B 49 -9.69 2.01 2.62
N ARG B 50 -10.29 1.70 1.47
CA ARG B 50 -11.20 2.62 0.77
C ARG B 50 -12.57 2.73 1.47
N GLN B 51 -13.05 1.65 2.13
CA GLN B 51 -14.34 1.66 2.85
C GLN B 51 -14.25 2.59 4.07
N VAL B 52 -13.07 2.61 4.72
CA VAL B 52 -12.77 3.48 5.86
C VAL B 52 -12.93 4.95 5.45
N ILE B 53 -12.31 5.34 4.34
CA ILE B 53 -12.40 6.68 3.74
C ILE B 53 -13.85 7.01 3.45
N ALA B 54 -14.59 6.05 2.86
CA ALA B 54 -16.01 6.23 2.55
C ALA B 54 -16.87 6.39 3.82
N ALA B 55 -16.52 5.70 4.91
CA ALA B 55 -17.22 5.76 6.19
C ALA B 55 -17.05 7.13 6.85
N VAL B 56 -15.81 7.67 6.82
CA VAL B 56 -15.46 8.98 7.37
C VAL B 56 -16.27 10.07 6.61
N LYS B 57 -16.29 9.99 5.25
CA LYS B 57 -17.06 10.88 4.37
C LYS B 57 -18.56 10.78 4.68
N TRP B 58 -19.05 9.57 5.05
CA TRP B 58 -20.47 9.35 5.37
C TRP B 58 -20.80 10.01 6.69
N ALA B 59 -19.98 9.73 7.73
CA ALA B 59 -20.13 10.28 9.07
C ALA B 59 -20.26 11.83 9.02
N LYS B 60 -19.33 12.52 8.33
CA LYS B 60 -19.35 13.97 8.12
C LYS B 60 -20.72 14.48 7.64
N ALA B 61 -21.46 13.65 6.88
CA ALA B 61 -22.80 14.00 6.37
C ALA B 61 -23.96 13.62 7.31
N ILE B 62 -23.69 12.99 8.49
CA ILE B 62 -24.74 12.60 9.45
C ILE B 62 -25.24 13.81 10.25
N PRO B 63 -26.58 14.09 10.29
CA PRO B 63 -27.06 15.23 11.09
C PRO B 63 -26.56 15.17 12.53
N GLY B 64 -25.83 16.22 12.93
CA GLY B 64 -25.26 16.37 14.26
C GLY B 64 -23.82 15.96 14.47
N PHE B 65 -23.22 15.26 13.47
CA PHE B 65 -21.86 14.71 13.63
C PHE B 65 -20.73 15.78 13.57
N ARG B 66 -20.75 16.71 12.58
CA ARG B 66 -19.69 17.72 12.46
C ARG B 66 -19.76 18.78 13.59
N ASN B 67 -20.97 18.97 14.19
CA ASN B 67 -21.29 19.84 15.32
C ASN B 67 -20.52 19.40 16.58
N LEU B 68 -20.04 18.14 16.62
CA LEU B 68 -19.24 17.59 17.72
C LEU B 68 -17.78 18.09 17.67
N HIS B 69 -16.96 17.70 18.67
CA HIS B 69 -15.55 18.09 18.75
C HIS B 69 -14.69 17.24 17.82
N LEU B 70 -13.83 17.89 17.01
CA LEU B 70 -12.91 17.28 16.04
C LEU B 70 -12.06 16.13 16.60
N ASP B 71 -11.69 16.17 17.91
CA ASP B 71 -10.91 15.09 18.54
C ASP B 71 -11.83 13.90 18.82
N ASP B 72 -13.12 14.19 19.11
CA ASP B 72 -14.15 13.17 19.39
C ASP B 72 -14.60 12.52 18.08
N GLN B 73 -14.85 13.33 17.01
CA GLN B 73 -15.17 12.87 15.65
C GLN B 73 -14.07 11.87 15.21
N MET B 74 -12.80 12.22 15.47
CA MET B 74 -11.60 11.44 15.18
C MET B 74 -11.54 10.15 15.99
N THR B 75 -11.92 10.21 17.29
CA THR B 75 -11.84 9.03 18.15
C THR B 75 -13.04 8.06 17.92
N LEU B 76 -14.23 8.57 17.55
CA LEU B 76 -15.43 7.75 17.26
C LEU B 76 -15.14 6.88 16.04
N LEU B 77 -14.75 7.53 14.91
CA LEU B 77 -14.37 6.88 13.65
C LEU B 77 -13.23 5.88 13.84
N GLN B 78 -12.26 6.18 14.72
CA GLN B 78 -11.13 5.28 15.01
C GLN B 78 -11.55 4.05 15.80
N TYR B 79 -12.66 4.17 16.56
CA TYR B 79 -13.20 3.06 17.37
C TYR B 79 -14.20 2.23 16.52
N SER B 80 -15.11 2.92 15.82
CA SER B 80 -16.22 2.39 15.05
C SER B 80 -15.98 2.02 13.52
N TRP B 81 -14.79 2.26 12.90
CA TRP B 81 -14.62 1.94 11.47
C TRP B 81 -14.97 0.49 11.11
N MET B 82 -14.44 -0.52 11.84
CA MET B 82 -14.72 -1.94 11.57
C MET B 82 -16.15 -2.33 12.01
N TYR B 83 -16.81 -1.52 12.88
CA TYR B 83 -18.19 -1.76 13.30
C TYR B 83 -19.09 -1.51 12.09
N LEU B 84 -18.86 -0.37 11.41
CA LEU B 84 -19.61 0.07 10.24
C LEU B 84 -19.43 -0.82 9.02
N MET B 85 -18.19 -1.30 8.79
CA MET B 85 -17.85 -2.16 7.66
C MET B 85 -18.40 -3.57 7.78
N ALA B 86 -18.26 -4.22 8.96
CA ALA B 86 -18.77 -5.57 9.22
C ALA B 86 -20.29 -5.53 9.20
N PHE B 87 -20.88 -4.42 9.64
CA PHE B 87 -22.33 -4.31 9.65
C PHE B 87 -22.89 -4.11 8.25
N ALA B 88 -22.22 -3.26 7.44
CA ALA B 88 -22.59 -3.01 6.05
C ALA B 88 -22.37 -4.31 5.26
N LEU B 89 -21.37 -5.11 5.66
CA LEU B 89 -21.10 -6.39 5.03
C LEU B 89 -22.25 -7.39 5.31
N GLY B 90 -22.70 -7.43 6.56
CA GLY B 90 -23.80 -8.28 7.01
C GLY B 90 -25.09 -7.98 6.25
N TRP B 91 -25.40 -6.69 6.06
CA TRP B 91 -26.57 -6.21 5.35
C TRP B 91 -26.57 -6.61 3.87
N ARG B 92 -25.45 -6.34 3.18
CA ARG B 92 -25.30 -6.67 1.77
C ARG B 92 -25.38 -8.19 1.55
N SER B 93 -24.78 -8.98 2.47
CA SER B 93 -24.79 -10.44 2.41
C SER B 93 -26.19 -11.03 2.60
N TYR B 94 -26.99 -10.39 3.48
CA TYR B 94 -28.37 -10.77 3.76
C TYR B 94 -29.24 -10.46 2.54
N ARG B 95 -29.15 -9.25 2.03
CA ARG B 95 -29.98 -8.81 0.90
C ARG B 95 -29.67 -9.54 -0.40
N GLN B 96 -28.39 -9.81 -0.64
CA GLN B 96 -28.00 -10.42 -1.89
C GLN B 96 -28.01 -11.94 -1.88
N SER B 97 -27.60 -12.57 -0.78
CA SER B 97 -27.49 -14.03 -0.74
C SER B 97 -28.26 -14.72 0.38
N SER B 98 -29.17 -14.03 1.12
CA SER B 98 -29.88 -14.62 2.27
C SER B 98 -28.88 -15.23 3.29
N ALA B 99 -27.77 -14.49 3.54
CA ALA B 99 -26.70 -14.83 4.50
C ALA B 99 -25.94 -16.12 4.15
N ASN B 100 -25.79 -16.42 2.85
CA ASN B 100 -25.08 -17.61 2.43
C ASN B 100 -23.64 -17.32 2.09
N LEU B 101 -23.36 -16.12 1.58
CA LEU B 101 -21.99 -15.76 1.18
C LEU B 101 -21.65 -14.38 1.73
N LEU B 102 -20.37 -14.08 1.79
CA LEU B 102 -19.86 -12.79 2.22
C LEU B 102 -19.79 -11.95 0.97
N CYS B 103 -20.73 -11.01 0.83
CA CYS B 103 -20.86 -10.14 -0.33
C CYS B 103 -20.12 -8.82 -0.10
N PHE B 104 -18.79 -8.86 -0.16
CA PHE B 104 -17.90 -7.71 0.06
C PHE B 104 -18.09 -6.57 -0.94
N ALA B 105 -18.35 -6.92 -2.20
CA ALA B 105 -18.53 -5.96 -3.30
C ALA B 105 -19.27 -6.70 -4.43
N PRO B 106 -19.94 -6.00 -5.39
CA PRO B 106 -20.61 -6.74 -6.49
C PRO B 106 -19.68 -7.70 -7.27
N ASP B 107 -18.40 -7.33 -7.40
CA ASP B 107 -17.38 -8.10 -8.13
C ASP B 107 -16.45 -8.89 -7.22
N LEU B 108 -16.83 -9.04 -5.93
CA LEU B 108 -16.06 -9.80 -4.96
C LEU B 108 -17.02 -10.43 -3.95
N ILE B 109 -17.40 -11.68 -4.24
CA ILE B 109 -18.32 -12.49 -3.45
C ILE B 109 -17.56 -13.72 -3.01
N ILE B 110 -17.50 -13.95 -1.71
CA ILE B 110 -16.71 -15.04 -1.17
C ILE B 110 -17.59 -16.19 -0.62
N ASN B 111 -17.35 -17.38 -1.20
CA ASN B 111 -17.99 -18.62 -0.79
C ASN B 111 -17.08 -19.22 0.29
N GLU B 112 -17.58 -19.35 1.52
CA GLU B 112 -16.82 -19.87 2.69
C GLU B 112 -16.17 -21.23 2.43
N GLN B 113 -16.82 -22.09 1.63
CA GLN B 113 -16.28 -23.42 1.37
C GLN B 113 -15.29 -23.46 0.16
N ARG B 114 -14.61 -22.34 -0.05
CA ARG B 114 -13.52 -22.21 -1.03
C ARG B 114 -12.27 -21.71 -0.25
N MET B 115 -12.44 -21.45 1.06
CA MET B 115 -11.42 -20.99 2.02
C MET B 115 -10.81 -22.19 2.76
N THR B 116 -9.62 -22.64 2.28
CA THR B 116 -8.95 -23.85 2.75
C THR B 116 -8.24 -23.69 4.14
N LEU B 117 -7.70 -22.51 4.50
CA LEU B 117 -7.05 -22.39 5.83
C LEU B 117 -8.11 -22.15 6.94
N PRO B 118 -8.16 -23.09 7.95
CA PRO B 118 -9.23 -23.05 8.98
C PRO B 118 -9.57 -21.71 9.66
N ASP B 119 -8.56 -20.92 10.09
CA ASP B 119 -8.74 -19.62 10.76
C ASP B 119 -9.56 -18.64 9.92
N MET B 120 -9.33 -18.65 8.60
CA MET B 120 -10.02 -17.81 7.61
C MET B 120 -11.49 -18.23 7.57
N TYR B 121 -11.74 -19.56 7.40
CA TYR B 121 -13.05 -20.19 7.36
C TYR B 121 -13.88 -19.89 8.60
N ASP B 122 -13.29 -20.00 9.81
CA ASP B 122 -13.98 -19.71 11.08
C ASP B 122 -14.35 -18.23 11.18
N GLN B 123 -13.51 -17.35 10.61
CA GLN B 123 -13.79 -15.92 10.59
C GLN B 123 -14.89 -15.63 9.57
N CYS B 124 -14.90 -16.39 8.44
CA CYS B 124 -15.92 -16.29 7.40
C CYS B 124 -17.28 -16.63 8.03
N LYS B 125 -17.35 -17.80 8.70
CA LYS B 125 -18.50 -18.31 9.44
C LYS B 125 -19.05 -17.28 10.44
N HIS B 126 -18.15 -16.62 11.23
CA HIS B 126 -18.50 -15.58 12.21
C HIS B 126 -19.03 -14.32 11.57
N MET B 127 -18.56 -13.98 10.36
CA MET B 127 -19.04 -12.79 9.66
C MET B 127 -20.43 -13.03 9.10
N LEU B 128 -20.72 -14.31 8.77
CA LEU B 128 -22.04 -14.72 8.30
C LEU B 128 -23.08 -14.64 9.41
N TYR B 129 -22.65 -14.61 10.70
CA TYR B 129 -23.55 -14.53 11.85
C TYR B 129 -24.39 -13.25 11.80
N VAL B 130 -23.73 -12.09 11.67
CA VAL B 130 -24.39 -10.77 11.59
C VAL B 130 -25.48 -10.81 10.49
N SER B 131 -25.10 -11.30 9.30
CA SER B 131 -25.95 -11.50 8.12
C SER B 131 -27.15 -12.38 8.46
N SER B 132 -26.89 -13.54 9.07
CA SER B 132 -27.87 -14.53 9.53
C SER B 132 -28.87 -13.92 10.52
N GLU B 133 -28.39 -13.07 11.43
CA GLU B 133 -29.26 -12.39 12.38
C GLU B 133 -30.11 -11.36 11.68
N LEU B 134 -29.54 -10.62 10.70
CA LEU B 134 -30.31 -9.61 9.97
C LEU B 134 -31.42 -10.27 9.13
N HIS B 135 -31.12 -11.48 8.60
CA HIS B 135 -32.03 -12.33 7.84
C HIS B 135 -33.13 -12.88 8.75
N ARG B 136 -32.74 -13.47 9.88
CA ARG B 136 -33.64 -14.06 10.87
C ARG B 136 -34.65 -13.04 11.37
N LEU B 137 -34.17 -11.81 11.64
CA LEU B 137 -35.02 -10.74 12.15
C LEU B 137 -35.73 -9.98 11.05
N GLN B 138 -35.37 -10.21 9.77
CA GLN B 138 -35.97 -9.55 8.59
C GLN B 138 -35.90 -8.04 8.75
N VAL B 139 -34.70 -7.55 9.06
CA VAL B 139 -34.40 -6.15 9.31
C VAL B 139 -34.66 -5.32 8.03
N SER B 140 -35.34 -4.18 8.19
CA SER B 140 -35.68 -3.30 7.07
C SER B 140 -34.57 -2.25 6.83
N TYR B 141 -34.60 -1.60 5.67
CA TYR B 141 -33.60 -0.61 5.29
C TYR B 141 -33.53 0.55 6.31
N GLU B 142 -34.69 1.10 6.67
CA GLU B 142 -34.83 2.16 7.67
C GLU B 142 -34.30 1.71 9.03
N GLU B 143 -34.57 0.46 9.44
CA GLU B 143 -34.00 -0.05 10.71
C GLU B 143 -32.50 -0.13 10.62
N TYR B 144 -32.00 -0.65 9.48
CA TYR B 144 -30.57 -0.82 9.24
C TYR B 144 -29.81 0.51 9.26
N LEU B 145 -30.35 1.55 8.59
CA LEU B 145 -29.73 2.89 8.52
C LEU B 145 -29.54 3.48 9.93
N CYS B 146 -30.61 3.42 10.77
CA CYS B 146 -30.61 3.83 12.16
C CYS B 146 -29.63 3.00 12.95
N MET B 147 -29.68 1.66 12.84
CA MET B 147 -28.74 0.79 13.56
C MET B 147 -27.26 1.08 13.23
N LYS B 148 -26.96 1.40 11.95
CA LYS B 148 -25.61 1.69 11.49
C LYS B 148 -25.11 3.04 12.04
N THR B 149 -26.00 4.06 12.15
CA THR B 149 -25.66 5.35 12.76
C THR B 149 -25.32 5.11 14.24
N LEU B 150 -26.04 4.19 14.90
CA LEU B 150 -25.81 3.83 16.30
C LEU B 150 -24.48 3.13 16.50
N LEU B 151 -23.98 2.43 15.47
CA LEU B 151 -22.69 1.74 15.56
C LEU B 151 -21.51 2.70 15.59
N LEU B 152 -21.69 3.91 15.05
CA LEU B 152 -20.70 4.99 15.07
C LEU B 152 -20.56 5.50 16.54
N LEU B 153 -21.72 5.56 17.26
CA LEU B 153 -21.89 6.04 18.65
C LEU B 153 -22.11 4.91 19.64
N SER B 154 -21.23 3.88 19.64
CA SER B 154 -21.32 2.68 20.47
C SER B 154 -20.04 2.40 21.29
N SER B 155 -19.00 3.20 21.07
CA SER B 155 -17.72 3.11 21.76
C SER B 155 -17.23 4.53 22.11
N VAL B 156 -16.78 4.70 23.36
CA VAL B 156 -16.26 5.96 23.91
C VAL B 156 -15.02 5.71 24.80
N PRO B 157 -14.07 6.67 24.94
CA PRO B 157 -12.91 6.40 25.80
C PRO B 157 -13.26 6.50 27.28
N LYS B 158 -12.62 5.66 28.12
CA LYS B 158 -12.77 5.68 29.58
C LYS B 158 -12.40 7.09 30.11
N ASP B 159 -11.36 7.72 29.50
CA ASP B 159 -10.90 9.10 29.79
C ASP B 159 -11.93 10.20 29.43
N GLY B 160 -13.03 9.80 28.76
CA GLY B 160 -14.14 10.65 28.37
C GLY B 160 -13.95 11.48 27.11
N LEU B 161 -15.09 11.88 26.49
CA LEU B 161 -15.12 12.74 25.30
C LEU B 161 -15.14 14.20 25.72
N LYS B 162 -14.61 15.09 24.86
CA LYS B 162 -14.59 16.54 25.06
C LYS B 162 -16.02 17.12 24.99
N SER B 163 -16.81 16.66 24.02
CA SER B 163 -18.20 17.08 23.82
C SER B 163 -19.17 15.92 24.17
N GLN B 164 -18.88 15.25 25.32
CA GLN B 164 -19.63 14.11 25.92
C GLN B 164 -21.14 14.39 26.08
N ALA B 165 -21.53 15.66 26.30
CA ALA B 165 -22.94 16.06 26.47
C ALA B 165 -23.73 16.01 25.15
N LEU B 166 -23.19 16.61 24.07
CA LEU B 166 -23.81 16.65 22.74
C LEU B 166 -23.94 15.22 22.15
N PHE B 167 -22.94 14.34 22.45
CA PHE B 167 -22.88 12.93 22.05
C PHE B 167 -24.05 12.16 22.70
N ASP B 168 -24.22 12.29 24.04
CA ASP B 168 -25.29 11.66 24.83
C ASP B 168 -26.66 12.00 24.27
N ALA B 169 -26.85 13.26 23.85
CA ALA B 169 -28.09 13.75 23.26
C ALA B 169 -28.32 13.17 21.87
N ILE B 170 -27.28 13.16 21.01
CA ILE B 170 -27.39 12.70 19.62
C ILE B 170 -27.60 11.16 19.55
N ARG B 171 -26.95 10.36 20.41
CA ARG B 171 -27.15 8.91 20.49
C ARG B 171 -28.64 8.61 20.79
N MET B 172 -29.24 9.36 21.75
CA MET B 172 -30.64 9.27 22.17
C MET B 172 -31.63 9.57 21.03
N THR B 173 -31.29 10.57 20.20
CA THR B 173 -32.08 10.97 19.02
C THR B 173 -32.07 9.83 17.98
N TYR B 174 -30.94 9.08 17.89
CA TYR B 174 -30.84 7.98 16.95
C TYR B 174 -31.49 6.70 17.52
N ILE B 175 -31.57 6.57 18.86
CA ILE B 175 -32.29 5.47 19.48
C ILE B 175 -33.81 5.70 19.19
N LYS B 176 -34.24 6.98 19.20
CA LYS B 176 -35.62 7.38 18.89
C LYS B 176 -35.99 7.14 17.42
N GLU B 177 -35.06 7.45 16.48
CA GLU B 177 -35.28 7.23 15.05
C GLU B 177 -35.41 5.73 14.70
N LEU B 178 -34.71 4.87 15.48
CA LEU B 178 -34.78 3.41 15.36
C LEU B 178 -36.17 2.93 15.79
N GLY B 179 -36.64 3.45 16.94
CA GLY B 179 -37.98 3.17 17.45
C GLY B 179 -39.04 3.48 16.41
N LYS B 180 -38.87 4.61 15.69
CA LYS B 180 -39.76 5.04 14.60
C LYS B 180 -39.75 4.06 13.45
N ALA B 181 -38.54 3.54 13.08
CA ALA B 181 -38.37 2.56 11.98
C ALA B 181 -39.07 1.24 12.37
N ILE B 182 -38.92 0.82 13.66
CA ILE B 182 -39.59 -0.37 14.22
C ILE B 182 -41.11 -0.16 14.12
N VAL B 183 -41.62 1.00 14.63
CA VAL B 183 -43.05 1.36 14.61
C VAL B 183 -43.64 1.18 13.21
N LYS B 184 -42.92 1.70 12.18
CA LYS B 184 -43.30 1.66 10.76
C LYS B 184 -43.56 0.23 10.19
N ARG B 185 -43.13 -0.83 10.90
CA ARG B 185 -43.41 -2.22 10.49
C ARG B 185 -44.85 -2.64 10.83
N GLU B 186 -45.57 -1.75 11.54
CA GLU B 186 -46.98 -1.86 11.95
C GLU B 186 -47.25 -3.05 12.90
N GLY B 187 -46.30 -3.29 13.80
CA GLY B 187 -46.46 -4.29 14.85
C GLY B 187 -47.18 -3.62 16.00
N ASN B 188 -47.84 -4.39 16.88
CA ASN B 188 -48.52 -3.76 18.03
C ASN B 188 -47.47 -3.33 19.07
N SER B 189 -47.89 -2.63 20.14
CA SER B 189 -46.98 -2.17 21.20
C SER B 189 -46.14 -3.31 21.83
N SER B 190 -46.66 -4.54 21.89
CA SER B 190 -45.90 -5.64 22.43
C SER B 190 -44.86 -6.19 21.42
N GLN B 191 -45.18 -6.15 20.10
CA GLN B 191 -44.27 -6.61 19.06
C GLN B 191 -43.11 -5.61 18.93
N ASN B 192 -43.41 -4.32 19.12
CA ASN B 192 -42.44 -3.23 19.06
C ASN B 192 -41.37 -3.32 20.13
N SER B 193 -41.79 -3.52 21.41
CA SER B 193 -40.85 -3.64 22.53
C SER B 193 -39.97 -4.89 22.45
N GLN B 194 -40.47 -6.01 21.92
CA GLN B 194 -39.61 -7.19 21.76
C GLN B 194 -38.66 -7.02 20.55
N ARG B 195 -39.11 -6.31 19.49
CA ARG B 195 -38.29 -6.03 18.31
C ARG B 195 -37.16 -5.08 18.70
N PHE B 196 -37.45 -4.06 19.54
CA PHE B 196 -36.43 -3.14 20.04
C PHE B 196 -35.40 -3.89 20.85
N TYR B 197 -35.83 -4.85 21.70
CA TYR B 197 -34.92 -5.69 22.47
C TYR B 197 -34.00 -6.53 21.56
N GLN B 198 -34.56 -7.07 20.46
CA GLN B 198 -33.81 -7.93 19.54
C GLN B 198 -32.77 -7.16 18.74
N LEU B 199 -33.15 -6.00 18.22
CA LEU B 199 -32.25 -5.16 17.44
C LEU B 199 -31.13 -4.57 18.29
N THR B 200 -31.43 -4.21 19.56
CA THR B 200 -30.41 -3.67 20.47
C THR B 200 -29.48 -4.76 20.99
N LYS B 201 -29.92 -6.04 21.04
CA LYS B 201 -29.05 -7.17 21.44
C LYS B 201 -28.04 -7.46 20.33
N LEU B 202 -28.47 -7.31 19.06
CA LEU B 202 -27.61 -7.51 17.90
C LEU B 202 -26.55 -6.42 17.90
N LEU B 203 -26.98 -5.16 18.18
CA LEU B 203 -26.09 -4.01 18.30
C LEU B 203 -24.98 -4.28 19.31
N ASP B 204 -25.34 -4.76 20.52
CA ASP B 204 -24.39 -5.09 21.60
C ASP B 204 -23.43 -6.18 21.20
N SER B 205 -23.92 -7.19 20.45
CA SER B 205 -23.10 -8.32 20.00
C SER B 205 -22.00 -7.89 19.00
N MET B 206 -22.12 -6.69 18.41
CA MET B 206 -21.12 -6.18 17.47
C MET B 206 -19.72 -6.06 18.12
N HIS B 207 -19.62 -5.61 19.41
CA HIS B 207 -18.37 -5.51 20.19
C HIS B 207 -17.54 -6.78 20.11
N GLU B 208 -18.13 -7.94 20.43
CA GLU B 208 -17.42 -9.22 20.35
C GLU B 208 -17.05 -9.58 18.91
N VAL B 209 -17.97 -9.34 17.95
CA VAL B 209 -17.79 -9.60 16.51
C VAL B 209 -16.53 -8.85 15.99
N VAL B 210 -16.48 -7.54 16.22
CA VAL B 210 -15.38 -6.70 15.78
C VAL B 210 -14.03 -7.07 16.43
N GLU B 211 -14.00 -7.35 17.76
CA GLU B 211 -12.79 -7.75 18.49
C GLU B 211 -12.17 -9.01 17.88
N ASN B 212 -12.98 -10.07 17.65
CA ASN B 212 -12.50 -11.31 17.06
C ASN B 212 -12.01 -11.11 15.63
N LEU B 213 -12.77 -10.30 14.84
CA LEU B 213 -12.45 -9.99 13.45
C LEU B 213 -11.17 -9.16 13.39
N LEU B 214 -11.06 -8.11 14.24
CA LEU B 214 -9.86 -7.30 14.29
C LEU B 214 -8.65 -8.11 14.72
N ASN B 215 -8.84 -9.06 15.68
CA ASN B 215 -7.79 -9.99 16.14
C ASN B 215 -7.28 -10.80 14.99
N TYR B 216 -8.23 -11.49 14.29
CA TYR B 216 -7.90 -12.33 13.14
C TYR B 216 -7.09 -11.57 12.10
N CYS B 217 -7.56 -10.37 11.72
CA CYS B 217 -6.96 -9.55 10.67
C CYS B 217 -5.52 -9.13 10.99
N PHE B 218 -5.24 -8.70 12.24
CA PHE B 218 -3.87 -8.35 12.64
C PHE B 218 -2.97 -9.59 12.73
N GLN B 219 -3.50 -10.72 13.25
CA GLN B 219 -2.77 -11.99 13.37
C GLN B 219 -2.27 -12.53 12.04
N THR B 220 -3.06 -12.35 10.96
CA THR B 220 -2.66 -12.79 9.61
C THR B 220 -1.73 -11.76 8.95
N PHE B 221 -1.86 -10.48 9.35
CA PHE B 221 -1.07 -9.35 8.84
C PHE B 221 0.36 -9.29 9.39
N LEU B 222 0.56 -9.63 10.67
CA LEU B 222 1.87 -9.57 11.33
C LEU B 222 2.40 -10.96 11.73
N ASN B 249 -8.58 1.23 27.57
CA ASN B 249 -9.04 2.62 27.65
C ASN B 249 -10.40 2.84 26.98
N ILE B 250 -10.88 1.90 26.16
CA ILE B 250 -12.16 2.08 25.48
C ILE B 250 -13.36 1.60 26.31
N LYS B 251 -14.43 2.42 26.41
CA LYS B 251 -15.63 1.97 27.11
C LYS B 251 -16.78 1.65 26.07
N LYS B 252 -16.90 0.32 25.84
CA LYS B 252 -17.86 -0.33 24.93
C LYS B 252 -19.25 -0.31 25.54
N LEU B 253 -20.08 0.62 25.04
CA LEU B 253 -21.47 0.82 25.48
C LEU B 253 -22.39 -0.37 25.16
N LEU B 254 -23.33 -0.62 26.07
CA LEU B 254 -24.31 -1.72 25.94
C LEU B 254 -25.71 -1.19 26.16
N PHE B 255 -26.72 -1.94 25.68
CA PHE B 255 -28.14 -1.63 25.85
C PHE B 255 -28.68 -2.53 26.96
N HIS B 256 -27.99 -3.65 27.19
CA HIS B 256 -28.32 -4.68 28.18
C HIS B 256 -27.06 -5.03 28.96
N GLN B 257 -27.15 -5.02 30.30
CA GLN B 257 -26.03 -5.28 31.20
C GLN B 257 -26.08 -6.69 31.76
N LEU C 2 6.56 11.86 -4.90
CA LEU C 2 5.54 12.38 -3.99
C LEU C 2 5.11 11.35 -2.93
N GLY C 3 4.79 10.12 -3.34
CA GLY C 3 4.45 9.01 -2.45
C GLY C 3 5.73 8.34 -2.01
N LEU C 4 6.67 8.23 -2.96
CA LEU C 4 8.02 7.71 -2.83
C LEU C 4 8.87 8.72 -2.01
N GLU C 5 8.56 10.01 -2.19
CA GLU C 5 9.18 11.16 -1.50
C GLU C 5 8.98 11.04 0.03
N ASP C 6 7.80 10.53 0.47
CA ASP C 6 7.50 10.34 1.88
C ASP C 6 8.41 9.25 2.47
N ILE C 7 8.50 8.10 1.76
CA ILE C 7 9.36 6.96 2.12
C ILE C 7 10.82 7.42 2.25
N ILE C 8 11.31 8.22 1.28
CA ILE C 8 12.70 8.67 1.25
C ILE C 8 12.99 9.65 2.41
N ARG C 9 12.15 10.67 2.63
CA ARG C 9 12.32 11.64 3.72
C ARG C 9 12.22 10.96 5.11
N LYS C 10 11.26 10.02 5.28
CA LYS C 10 11.14 9.29 6.55
C LYS C 10 12.43 8.52 6.79
N ALA C 11 12.87 7.70 5.82
CA ALA C 11 14.10 6.93 5.97
C ALA C 11 15.36 7.81 6.07
N LEU C 12 15.32 9.02 5.48
CA LEU C 12 16.43 9.98 5.50
C LEU C 12 16.59 10.60 6.89
N MET C 13 15.46 11.07 7.48
CA MET C 13 15.46 11.71 8.81
C MET C 13 15.61 10.71 9.97
N GLY C 14 15.15 9.48 9.76
CA GLY C 14 15.21 8.42 10.76
C GLY C 14 16.59 7.80 10.89
N GLY D 3 -0.65 4.66 10.34
CA GLY D 3 -1.51 3.54 10.00
C GLY D 3 -2.87 3.98 9.48
N LEU D 4 -3.95 3.64 10.23
CA LEU D 4 -5.35 3.98 9.89
C LEU D 4 -5.77 5.35 10.45
N GLU D 5 -5.09 5.80 11.53
CA GLU D 5 -5.31 7.09 12.20
C GLU D 5 -5.05 8.23 11.20
N ASP D 6 -3.97 8.11 10.39
CA ASP D 6 -3.58 9.06 9.36
C ASP D 6 -4.63 9.09 8.23
N ILE D 7 -5.07 7.89 7.77
CA ILE D 7 -6.12 7.68 6.76
C ILE D 7 -7.42 8.37 7.22
N ILE D 8 -7.82 8.17 8.50
CA ILE D 8 -9.00 8.81 9.10
C ILE D 8 -8.77 10.33 9.18
N ARG D 9 -7.55 10.78 9.59
CA ARG D 9 -7.23 12.21 9.70
C ARG D 9 -7.35 12.92 8.35
N LYS D 10 -6.70 12.37 7.30
CA LYS D 10 -6.73 12.92 5.94
C LYS D 10 -8.18 13.05 5.42
N ALA D 11 -8.99 11.98 5.56
CA ALA D 11 -10.37 11.91 5.09
C ALA D 11 -11.31 12.88 5.83
N LEU D 12 -11.15 13.00 7.17
CA LEU D 12 -11.95 13.91 7.99
C LEU D 12 -11.66 15.37 7.69
N MET D 13 -10.35 15.74 7.66
CA MET D 13 -9.89 17.12 7.39
C MET D 13 -10.27 17.61 5.98
N GLY D 14 -10.02 16.77 4.97
CA GLY D 14 -10.33 17.06 3.58
C GLY D 14 -11.81 17.08 3.26
C 29M E . 8.01 -6.11 -12.61
F 29M E . 15.10 -3.74 -9.59
N 29M E . 7.43 -3.67 -9.43
O 29M E . 10.89 -4.68 -7.53
S 29M E . 4.05 -3.64 -11.63
C1 29M E . 6.69 -5.88 -12.25
N1 29M E . 8.14 -1.22 -7.89
O1 29M E . 2.74 -3.58 -11.00
C2 29M E . 6.36 -5.04 -11.20
N2 29M E . 5.01 -4.78 -10.79
O2 29M E . 4.75 -2.38 -11.82
C3 29M E . 7.43 -4.50 -10.52
C4 29M E . 8.70 -3.36 -9.04
C5 29M E . 9.56 -4.01 -9.91
C6 29M E . 8.76 -4.72 -10.84
C7 29M E . 9.05 -5.54 -11.90
C8 29M E . 11.01 -3.95 -9.80
C9 29M E . 11.74 -3.58 -10.91
C10 29M E . 13.12 -3.51 -10.85
C11 29M E . 13.76 -3.82 -9.65
C12 29M E . 13.05 -4.21 -8.54
C13 29M E . 11.67 -4.28 -8.62
C14 29M E . 11.67 -5.12 -6.42
C15 29M E . 8.92 -2.47 -7.88
C16 29M E . 8.20 -0.54 -6.57
C17 29M E . 8.51 -0.31 -9.01
C18 29M E . 7.42 0.65 -9.40
C19 29M E . 6.09 0.40 -9.12
C20 29M E . 5.12 1.31 -9.51
C21 29M E . 5.48 2.44 -10.19
C22 29M E . 6.80 2.70 -10.46
C23 29M E . 7.77 1.81 -10.07
C24 29M E . 3.96 -4.45 -13.19
C25 29M E . 8.42 -7.00 -13.74
C26 29M E . 7.99 -6.46 -15.08
C27 29M E . 7.93 -8.41 -13.51
C 29M F . -11.06 -11.36 5.21
F 29M F . -16.60 -5.77 6.43
N 29M F . -9.30 -7.69 5.02
O 29M F . -12.70 -5.79 3.68
S 29M F . -6.42 -10.46 5.63
C1 29M F . -9.71 -11.35 4.88
N1 29M F . -9.05 -4.91 6.16
O1 29M F . -5.13 -10.36 4.95
C2 29M F . -9.00 -10.17 4.81
N2 29M F . -7.62 -10.18 4.44
O2 29M F . -6.70 -9.68 6.81
C3 29M F . -9.70 -9.00 5.05
C4 29M F . -10.34 -6.85 5.28
C5 29M F . -11.47 -7.62 5.48
C6 29M F . -11.06 -8.98 5.34
C7 29M F . -11.73 -10.18 5.43
C8 29M F . -12.81 -7.09 5.70
C9 29M F . -13.51 -7.54 6.82
C10 29M F . -14.80 -7.10 7.08
C11 29M F . -15.36 -6.22 6.20
C12 29M F . -14.70 -5.78 5.07
C13 29M F . -13.41 -6.21 4.81
C14 29M F . -13.45 -4.94 2.82
C15 29M F . -10.17 -5.38 5.32
C16 29M F . -8.87 -3.45 6.00
C17 29M F . -9.14 -5.37 7.57
C18 29M F . -7.83 -5.37 8.27
C19 29M F . -6.72 -5.96 7.66
C20 29M F . -5.51 -5.93 8.33
C21 29M F . -5.40 -5.35 9.57
C22 29M F . -6.49 -4.77 10.16
C23 29M F . -7.71 -4.78 9.51
C24 29M F . -6.65 -12.16 6.06
C25 29M F . -11.85 -12.63 5.32
C26 29M F . -11.91 -13.45 4.05
C27 29M F . -11.44 -13.44 6.54
#